data_6FIX
#
_entry.id   6FIX
#
_cell.length_a   105.550
_cell.length_b   105.550
_cell.length_c   149.940
_cell.angle_alpha   90.00
_cell.angle_beta   90.00
_cell.angle_gamma   120.00
#
_symmetry.space_group_name_H-M   'P 32'
#
loop_
_entity.id
_entity.type
_entity.pdbx_description
1 polymer 'XRE family transcriptional regulator'
2 polymer 'DNA (30-MER)'
3 polymer 'DNA (30-MER)'
#
loop_
_entity_poly.entity_id
_entity_poly.type
_entity_poly.pdbx_seq_one_letter_code
_entity_poly.pdbx_strand_id
1 'polypeptide(L)'
;MHHHHHHLKNGMRPIHPGEILREEFQKEMGFSAAALARALGVATPTVNNILRERGGVSADMALRLSICLDTTPEFWLNLQ
TAFDLRTAEQQHGDEIIGSVQRLVA
;
A,B,D,E
2 'polydeoxyribonucleotide'
;(DA)(DA)(DA)(DT)(DT)(DA)(DA)(DC)(DG)(DA)(DA)(DT)(DA)(DA)(DC)(DG)(DT)(DT)(DA)(DA)
(DG)(DC)(DA)(DT)(DT)(DC)(DA)(DG)(DC)(DT)(DC)
;
C
3 'polydeoxyribonucleotide'
;(DA)(DG)(DC)(DT)(DG)(DA)(DA)(DT)(DG)(DC)(DT)(DT)(DA)(DA)(DC)(DG)(DT)(DT)(DA)(DT)
(DT)(DC)(DG)(DT)(DT)(DA)(DA)(DT)(DT)(DT)
;
F
#
# COMPACT_ATOMS: atom_id res chain seq x y z
N ASN A 10 9.92 12.67 -18.55
CA ASN A 10 9.62 13.77 -19.46
C ASN A 10 9.39 15.08 -18.70
N GLY A 11 10.46 15.79 -18.35
CA GLY A 11 11.80 15.42 -18.78
C GLY A 11 12.58 14.50 -17.85
N MET A 12 12.16 14.40 -16.59
CA MET A 12 12.84 13.54 -15.63
C MET A 12 11.94 12.49 -15.00
N ARG A 13 12.58 11.53 -14.33
CA ARG A 13 11.92 10.43 -13.62
C ARG A 13 11.11 10.97 -12.44
N PRO A 14 10.00 10.30 -12.09
CA PRO A 14 9.33 10.80 -10.88
C PRO A 14 10.06 10.37 -9.62
N ILE A 15 10.18 11.30 -8.67
CA ILE A 15 10.88 11.03 -7.42
C ILE A 15 9.95 11.12 -6.23
N HIS A 16 9.91 10.06 -5.43
CA HIS A 16 9.03 10.02 -4.26
C HIS A 16 9.69 10.72 -3.07
N PRO A 17 8.87 11.20 -2.12
CA PRO A 17 9.34 11.78 -0.85
C PRO A 17 10.16 10.82 -0.01
N GLY A 18 9.79 9.55 0.01
CA GLY A 18 10.47 8.60 0.87
C GLY A 18 11.85 8.36 0.32
N GLU A 19 12.04 8.66 -0.95
CA GLU A 19 13.36 8.60 -1.57
C GLU A 19 14.28 9.69 -1.07
N ILE A 20 13.75 10.91 -0.97
CA ILE A 20 14.54 12.03 -0.50
C ILE A 20 14.55 12.03 1.02
N LEU A 21 13.81 11.09 1.60
CA LEU A 21 13.83 10.85 3.03
C LEU A 21 14.86 9.79 3.46
N ARG A 22 14.63 8.54 3.07
CA ARG A 22 15.47 7.43 3.52
C ARG A 22 16.94 7.62 3.15
N GLU A 23 17.18 8.24 2.00
CA GLU A 23 18.54 8.42 1.52
C GLU A 23 19.21 9.62 2.16
N GLU A 24 18.79 10.82 1.80
CA GLU A 24 19.39 12.05 2.34
C GLU A 24 19.31 12.16 3.87
N PHE A 25 18.23 11.67 4.48
CA PHE A 25 18.03 11.87 5.91
C PHE A 25 18.33 10.65 6.79
N GLN A 26 17.64 9.55 6.55
CA GLN A 26 17.79 8.32 7.33
C GLN A 26 19.25 7.83 7.31
N LYS A 27 19.90 7.95 6.16
CA LYS A 27 21.28 7.53 6.00
C LYS A 27 22.32 8.52 6.57
N GLU A 28 22.02 9.82 6.55
CA GLU A 28 22.99 10.81 7.03
C GLU A 28 23.00 10.86 8.55
N MET A 29 21.81 10.82 9.15
CA MET A 29 21.72 10.61 10.59
C MET A 29 20.85 9.36 10.72
N GLY A 30 21.28 8.40 11.54
CA GLY A 30 20.61 7.11 11.51
C GLY A 30 19.22 7.16 12.09
N PHE A 31 18.22 6.89 11.25
CA PHE A 31 16.86 6.89 11.71
C PHE A 31 16.30 5.48 11.70
N SER A 32 15.26 5.28 12.51
CA SER A 32 14.59 4.00 12.60
C SER A 32 13.10 4.30 12.56
N ALA A 33 12.37 3.59 11.69
CA ALA A 33 10.99 3.95 11.41
C ALA A 33 10.11 3.96 12.65
N ALA A 34 10.37 3.05 13.57
CA ALA A 34 9.59 2.96 14.78
C ALA A 34 9.85 4.16 15.68
N ALA A 35 11.13 4.49 15.85
CA ALA A 35 11.51 5.60 16.70
C ALA A 35 11.11 6.92 16.07
N LEU A 36 11.18 6.99 14.75
CA LEU A 36 10.77 8.19 14.06
C LEU A 36 9.26 8.36 14.24
N ALA A 37 8.56 7.24 14.31
CA ALA A 37 7.12 7.27 14.49
C ALA A 37 6.75 8.00 15.76
N ARG A 38 7.25 7.51 16.88
CA ARG A 38 6.96 8.12 18.17
C ARG A 38 7.58 9.51 18.27
N ALA A 39 8.59 9.78 17.45
CA ALA A 39 9.19 11.11 17.42
C ALA A 39 8.27 12.08 16.70
N LEU A 40 7.50 11.54 15.76
CA LEU A 40 6.56 12.32 14.97
C LEU A 40 5.14 12.25 15.54
N GLY A 41 4.97 11.47 16.61
CA GLY A 41 3.67 11.33 17.24
C GLY A 41 2.65 10.53 16.46
N VAL A 42 3.13 9.63 15.61
CA VAL A 42 2.24 8.81 14.78
C VAL A 42 2.61 7.32 14.84
N ALA A 43 1.72 6.46 14.37
CA ALA A 43 1.95 5.02 14.40
C ALA A 43 3.07 4.65 13.45
N THR A 44 3.74 3.54 13.70
CA THR A 44 4.86 3.14 12.85
C THR A 44 4.50 2.92 11.36
N PRO A 45 3.40 2.18 11.06
CA PRO A 45 3.15 1.87 9.64
C PRO A 45 2.95 3.14 8.82
N THR A 46 2.26 4.11 9.41
CA THR A 46 2.07 5.42 8.81
C THR A 46 3.39 5.98 8.33
N VAL A 47 4.43 5.81 9.14
CA VAL A 47 5.76 6.28 8.79
C VAL A 47 6.39 5.39 7.74
N ASN A 48 6.40 4.10 8.02
CA ASN A 48 7.12 3.13 7.18
C ASN A 48 6.50 2.95 5.80
N ASN A 49 5.24 3.35 5.66
CA ASN A 49 4.55 3.32 4.37
C ASN A 49 5.10 4.39 3.42
N ILE A 50 5.71 5.42 4.00
CA ILE A 50 6.39 6.44 3.21
C ILE A 50 7.79 5.95 2.81
N LEU A 51 8.45 5.25 3.72
CA LEU A 51 9.73 4.60 3.43
C LEU A 51 9.57 3.47 2.41
N ARG A 52 8.43 2.78 2.50
CA ARG A 52 8.08 1.76 1.51
C ARG A 52 7.67 2.44 0.21
N GLU A 53 7.56 3.76 0.25
CA GLU A 53 7.32 4.58 -0.94
C GLU A 53 5.96 4.26 -1.55
N ARG A 54 5.08 3.69 -0.75
CA ARG A 54 3.72 3.40 -1.19
C ARG A 54 2.95 4.70 -1.13
N GLY A 55 3.48 5.62 -0.33
CA GLY A 55 2.98 6.97 -0.20
C GLY A 55 2.22 7.10 1.11
N GLY A 56 1.88 8.32 1.46
CA GLY A 56 2.21 9.53 0.71
C GLY A 56 2.27 10.60 1.78
N VAL A 57 2.82 11.78 1.47
CA VAL A 57 2.92 12.81 2.50
C VAL A 57 1.64 13.63 2.72
N SER A 58 1.17 13.60 3.97
CA SER A 58 0.02 14.37 4.43
C SER A 58 0.39 15.82 4.72
N ALA A 59 -0.62 16.69 4.72
CA ALA A 59 -0.40 18.09 5.05
C ALA A 59 -0.10 18.31 6.53
N ASP A 60 -0.76 17.56 7.41
CA ASP A 60 -0.47 17.65 8.83
C ASP A 60 0.89 17.04 9.12
N MET A 61 1.24 16.04 8.32
CA MET A 61 2.51 15.34 8.42
C MET A 61 3.70 16.23 8.11
N ALA A 62 3.63 16.93 6.99
CA ALA A 62 4.71 17.82 6.56
C ALA A 62 5.05 18.84 7.64
N LEU A 63 4.01 19.29 8.35
CA LEU A 63 4.18 20.22 9.46
C LEU A 63 4.98 19.57 10.59
N ARG A 64 4.74 18.27 10.79
CA ARG A 64 5.39 17.54 11.86
C ARG A 64 6.85 17.33 11.53
N LEU A 65 7.14 17.09 10.24
CA LEU A 65 8.51 16.81 9.83
C LEU A 65 9.40 18.02 10.03
N SER A 66 8.86 19.19 9.72
CA SER A 66 9.61 20.44 9.82
C SER A 66 10.15 20.67 11.22
N ILE A 67 9.39 20.20 12.22
CA ILE A 67 9.77 20.38 13.61
C ILE A 67 11.03 19.60 13.92
N CYS A 68 11.00 18.31 13.59
CA CYS A 68 12.12 17.41 13.83
C CYS A 68 13.38 17.88 13.10
N LEU A 69 13.22 18.22 11.83
CA LEU A 69 14.34 18.48 10.93
C LEU A 69 14.72 19.96 10.75
N ASP A 70 14.09 20.82 11.55
CA ASP A 70 14.35 22.28 11.58
C ASP A 70 14.32 22.90 10.18
N THR A 71 13.50 22.33 9.30
CA THR A 71 13.34 22.85 7.95
C THR A 71 11.96 23.46 7.81
N THR A 72 11.62 23.93 6.62
CA THR A 72 10.28 24.43 6.39
C THR A 72 9.40 23.25 5.96
N PRO A 73 8.10 23.30 6.28
CA PRO A 73 7.19 22.21 5.90
C PRO A 73 6.98 22.14 4.40
N GLU A 74 7.10 23.28 3.74
CA GLU A 74 6.93 23.36 2.30
C GLU A 74 7.97 22.52 1.59
N PHE A 75 9.13 22.36 2.22
CA PHE A 75 10.21 21.56 1.66
C PHE A 75 9.69 20.17 1.31
N TRP A 76 9.12 19.50 2.30
CA TRP A 76 8.62 18.13 2.12
C TRP A 76 7.37 18.06 1.25
N LEU A 77 6.57 19.11 1.25
CA LEU A 77 5.36 19.10 0.45
C LEU A 77 5.61 19.43 -1.02
N ASN A 78 6.59 20.30 -1.28
CA ASN A 78 6.86 20.73 -2.64
C ASN A 78 7.31 19.57 -3.51
N LEU A 79 8.16 18.71 -2.97
CA LEU A 79 8.65 17.57 -3.73
C LEU A 79 7.55 16.51 -3.84
N GLN A 80 6.60 16.56 -2.91
CA GLN A 80 5.47 15.64 -2.94
C GLN A 80 4.59 15.90 -4.15
N THR A 81 4.18 17.15 -4.31
CA THR A 81 3.31 17.53 -5.41
C THR A 81 4.01 17.34 -6.76
N ALA A 82 5.31 17.62 -6.80
CA ALA A 82 6.07 17.47 -8.04
C ALA A 82 6.14 16.03 -8.51
N PHE A 83 6.08 15.10 -7.56
CA PHE A 83 6.09 13.67 -7.86
C PHE A 83 4.85 13.23 -8.64
N ASP A 84 3.69 13.51 -8.06
CA ASP A 84 2.40 13.10 -8.62
C ASP A 84 2.26 13.63 -10.02
N LEU A 85 2.77 14.85 -10.18
CA LEU A 85 2.73 15.58 -11.41
C LEU A 85 3.34 14.76 -12.54
N ARG A 86 4.58 14.33 -12.39
CA ARG A 86 5.22 13.56 -13.44
C ARG A 86 4.98 12.07 -13.27
N THR A 87 4.20 11.72 -12.25
CA THR A 87 3.66 10.38 -12.19
C THR A 87 2.50 10.27 -13.15
N ALA A 88 1.57 11.22 -13.03
CA ALA A 88 0.38 11.22 -13.86
C ALA A 88 0.71 11.71 -15.26
N GLU A 89 1.72 12.57 -15.36
CA GLU A 89 2.15 13.11 -16.64
C GLU A 89 2.66 12.00 -17.51
N GLN A 90 3.47 11.13 -16.90
CA GLN A 90 4.03 9.99 -17.60
C GLN A 90 3.06 8.81 -17.70
N GLN A 91 2.15 8.66 -16.73
CA GLN A 91 1.24 7.52 -16.80
C GLN A 91 0.09 7.71 -17.79
N HIS A 92 -0.88 8.52 -17.39
CA HIS A 92 -2.04 8.83 -18.24
C HIS A 92 -1.97 10.20 -18.93
N GLY A 93 -0.85 10.90 -18.74
CA GLY A 93 -0.71 12.28 -19.19
C GLY A 93 -1.05 12.54 -20.65
N ASP A 94 -0.70 11.60 -21.52
CA ASP A 94 -0.99 11.74 -22.95
C ASP A 94 -2.49 11.83 -23.19
N GLU A 95 -3.26 11.06 -22.42
CA GLU A 95 -4.72 11.05 -22.55
C GLU A 95 -5.33 12.37 -22.11
N ILE A 96 -4.66 13.05 -21.18
CA ILE A 96 -5.17 14.31 -20.63
C ILE A 96 -5.14 15.42 -21.68
N ILE A 97 -4.03 15.48 -22.42
CA ILE A 97 -3.81 16.53 -23.40
C ILE A 97 -4.85 16.52 -24.53
N GLY A 98 -5.20 15.33 -25.01
CA GLY A 98 -6.12 15.19 -26.10
C GLY A 98 -7.54 15.63 -25.77
N SER A 99 -8.00 15.26 -24.58
CA SER A 99 -9.35 15.56 -24.13
C SER A 99 -9.56 17.03 -23.74
N VAL A 100 -8.51 17.69 -23.28
CA VAL A 100 -8.62 19.07 -22.84
C VAL A 100 -8.37 20.06 -23.98
N GLN A 101 -9.33 20.96 -24.19
CA GLN A 101 -9.21 21.97 -25.23
C GLN A 101 -8.84 23.31 -24.62
N ARG A 102 -7.76 23.89 -25.13
CA ARG A 102 -7.19 25.14 -24.63
C ARG A 102 -8.18 26.30 -24.75
N LEU A 103 -8.07 27.28 -23.85
CA LEU A 103 -8.87 28.49 -23.95
C LEU A 103 -7.98 29.72 -24.11
N VAL A 104 -8.59 30.82 -24.56
CA VAL A 104 -7.85 32.06 -24.83
C VAL A 104 -7.18 32.60 -23.56
N HIS B 7 11.62 31.11 10.39
CA HIS B 7 11.69 29.71 10.79
C HIS B 7 10.94 29.46 12.08
N LEU B 8 9.73 30.00 12.18
CA LEU B 8 8.89 29.80 13.36
C LEU B 8 7.40 29.88 13.05
N LYS B 9 6.60 29.16 13.84
CA LYS B 9 5.15 29.24 13.75
C LYS B 9 4.66 30.17 14.86
N ASN B 10 3.34 30.35 15.00
CA ASN B 10 2.33 29.67 14.20
C ASN B 10 1.81 30.50 13.02
N GLY B 11 0.74 30.03 12.39
CA GLY B 11 0.27 30.55 11.12
C GLY B 11 -0.91 31.52 11.11
N MET B 12 -1.19 32.02 9.90
CA MET B 12 -2.26 32.98 9.64
C MET B 12 -3.23 32.46 8.56
N ARG B 13 -4.17 33.31 8.13
CA ARG B 13 -5.24 32.95 7.18
C ARG B 13 -4.80 32.37 5.83
N PRO B 14 -5.40 31.21 5.47
CA PRO B 14 -5.21 30.49 4.20
C PRO B 14 -6.07 31.01 3.06
N ILE B 15 -5.82 30.47 1.87
CA ILE B 15 -6.61 30.78 0.68
C ILE B 15 -6.72 29.53 -0.21
N HIS B 16 -7.96 29.15 -0.54
CA HIS B 16 -8.23 27.96 -1.34
C HIS B 16 -8.08 28.28 -2.83
N PRO B 17 -7.88 27.24 -3.67
CA PRO B 17 -7.86 27.38 -5.14
C PRO B 17 -9.13 27.96 -5.78
N GLY B 18 -10.30 27.61 -5.28
CA GLY B 18 -11.53 28.08 -5.90
C GLY B 18 -11.76 29.55 -5.63
N GLU B 19 -11.11 30.05 -4.58
CA GLU B 19 -11.11 31.48 -4.28
C GLU B 19 -10.26 32.20 -5.31
N ILE B 20 -9.12 31.59 -5.67
CA ILE B 20 -8.22 32.18 -6.65
C ILE B 20 -8.70 31.78 -8.06
N LEU B 21 -9.78 31.01 -8.09
CA LEU B 21 -10.45 30.71 -9.36
C LEU B 21 -11.48 31.78 -9.69
N ARG B 22 -12.54 31.88 -8.88
CA ARG B 22 -13.63 32.78 -9.23
C ARG B 22 -13.09 34.20 -9.39
N GLU B 23 -12.20 34.61 -8.50
CA GLU B 23 -11.57 35.90 -8.64
C GLU B 23 -10.33 35.67 -9.50
N GLU B 24 -10.05 36.61 -10.40
CA GLU B 24 -8.90 36.60 -11.31
C GLU B 24 -9.10 35.65 -12.51
N PHE B 25 -10.03 34.68 -12.43
CA PHE B 25 -10.22 33.75 -13.54
C PHE B 25 -11.70 33.51 -13.97
N GLN B 26 -12.53 32.95 -13.09
CA GLN B 26 -13.94 32.64 -13.43
C GLN B 26 -14.91 33.77 -13.73
N LYS B 27 -15.02 34.76 -12.85
CA LYS B 27 -15.98 35.83 -13.10
C LYS B 27 -15.39 36.86 -14.07
N GLU B 28 -14.10 37.10 -13.97
CA GLU B 28 -13.45 38.03 -14.88
C GLU B 28 -13.12 37.30 -16.18
N MET B 29 -13.63 37.82 -17.30
CA MET B 29 -13.29 37.37 -18.65
C MET B 29 -13.92 36.03 -19.07
N GLY B 30 -14.69 35.39 -18.19
CA GLY B 30 -15.10 34.02 -18.45
C GLY B 30 -16.48 33.57 -18.03
N PHE B 31 -16.93 32.48 -18.64
CA PHE B 31 -18.22 31.89 -18.35
C PHE B 31 -18.00 30.69 -17.43
N SER B 32 -19.09 30.11 -16.95
CA SER B 32 -19.02 29.11 -15.89
C SER B 32 -18.97 27.64 -16.30
N ALA B 33 -19.23 26.80 -15.30
CA ALA B 33 -18.98 25.36 -15.30
C ALA B 33 -19.53 24.51 -16.44
N ALA B 34 -20.61 24.92 -17.11
CA ALA B 34 -21.16 24.06 -18.15
C ALA B 34 -20.20 23.87 -19.33
N ALA B 35 -19.73 24.96 -19.89
CA ALA B 35 -18.78 24.89 -21.00
C ALA B 35 -17.41 24.49 -20.51
N LEU B 36 -17.08 24.96 -19.30
CA LEU B 36 -15.80 24.68 -18.66
C LEU B 36 -15.60 23.19 -18.36
N ALA B 37 -16.69 22.52 -18.05
CA ALA B 37 -16.66 21.08 -17.80
C ALA B 37 -16.15 20.35 -19.03
N ARG B 38 -16.84 20.55 -20.14
CA ARG B 38 -16.51 19.90 -21.40
C ARG B 38 -15.15 20.34 -21.93
N ALA B 39 -14.69 21.51 -21.49
CA ALA B 39 -13.37 21.99 -21.87
C ALA B 39 -12.28 21.25 -21.12
N LEU B 40 -12.61 20.80 -19.91
CA LEU B 40 -11.67 20.05 -19.07
C LEU B 40 -11.83 18.53 -19.15
N GLY B 41 -12.83 18.07 -19.90
CA GLY B 41 -13.07 16.65 -20.08
C GLY B 41 -13.63 15.97 -18.85
N VAL B 42 -14.25 16.75 -17.98
CA VAL B 42 -14.84 16.22 -16.75
C VAL B 42 -16.28 16.72 -16.59
N ALA B 43 -17.05 16.08 -15.73
CA ALA B 43 -18.43 16.46 -15.50
C ALA B 43 -18.54 17.78 -14.75
N THR B 44 -19.69 18.44 -14.89
CA THR B 44 -19.94 19.73 -14.23
C THR B 44 -19.81 19.69 -12.69
N PRO B 45 -20.38 18.66 -12.01
CA PRO B 45 -20.29 18.76 -10.55
C PRO B 45 -18.87 18.82 -10.04
N THR B 46 -17.98 18.05 -10.66
CA THR B 46 -16.55 18.08 -10.33
C THR B 46 -15.98 19.50 -10.32
N VAL B 47 -16.38 20.29 -11.31
CA VAL B 47 -15.87 21.64 -11.49
C VAL B 47 -16.39 22.70 -10.51
N ASN B 48 -17.71 22.82 -10.41
CA ASN B 48 -18.29 23.89 -9.59
C ASN B 48 -18.05 23.63 -8.11
N ASN B 49 -17.63 22.41 -7.79
CA ASN B 49 -17.32 22.08 -6.41
C ASN B 49 -16.18 22.93 -5.90
N ILE B 50 -15.30 23.33 -6.80
CA ILE B 50 -14.18 24.17 -6.43
C ILE B 50 -14.55 25.65 -6.37
N LEU B 51 -15.39 26.10 -7.29
CA LEU B 51 -15.85 27.48 -7.20
C LEU B 51 -16.68 27.64 -5.92
N ARG B 52 -17.45 26.61 -5.59
CA ARG B 52 -18.19 26.54 -4.32
C ARG B 52 -17.25 26.20 -3.15
N GLU B 53 -16.02 25.84 -3.51
CA GLU B 53 -14.93 25.52 -2.58
C GLU B 53 -15.16 24.25 -1.77
N ARG B 54 -16.27 23.56 -2.02
CA ARG B 54 -16.46 22.31 -1.32
C ARG B 54 -15.79 21.26 -2.19
N GLY B 55 -14.60 20.87 -1.79
CA GLY B 55 -13.86 19.82 -2.46
C GLY B 55 -12.39 20.20 -2.39
N GLY B 56 -11.53 19.32 -2.89
CA GLY B 56 -10.13 19.66 -3.06
C GLY B 56 -9.73 19.84 -4.51
N VAL B 57 -8.54 20.39 -4.72
CA VAL B 57 -7.95 20.52 -6.05
C VAL B 57 -7.27 19.19 -6.43
N SER B 58 -7.66 18.58 -7.55
CA SER B 58 -7.07 17.31 -7.95
C SER B 58 -5.66 17.57 -8.50
N ALA B 59 -4.81 16.55 -8.47
CA ALA B 59 -3.49 16.61 -9.11
C ALA B 59 -3.64 16.47 -10.61
N ASP B 60 -4.61 15.65 -11.01
CA ASP B 60 -4.94 15.40 -12.39
C ASP B 60 -5.55 16.63 -13.05
N MET B 61 -6.31 17.40 -12.27
CA MET B 61 -6.90 18.63 -12.78
C MET B 61 -5.82 19.66 -13.09
N ALA B 62 -4.85 19.83 -12.19
CA ALA B 62 -3.80 20.83 -12.35
C ALA B 62 -3.14 20.71 -13.71
N LEU B 63 -2.97 19.49 -14.19
CA LEU B 63 -2.43 19.26 -15.52
C LEU B 63 -3.40 19.78 -16.56
N ARG B 64 -4.69 19.62 -16.30
CA ARG B 64 -5.72 20.07 -17.21
C ARG B 64 -5.90 21.60 -17.18
N LEU B 65 -5.80 22.21 -16.00
CA LEU B 65 -5.95 23.67 -15.92
C LEU B 65 -4.82 24.42 -16.61
N SER B 66 -3.60 23.92 -16.46
CA SER B 66 -2.45 24.58 -17.06
C SER B 66 -2.64 24.71 -18.57
N ILE B 67 -3.35 23.74 -19.14
CA ILE B 67 -3.59 23.70 -20.56
C ILE B 67 -4.49 24.86 -21.00
N CYS B 68 -5.67 24.98 -20.39
CA CYS B 68 -6.63 26.05 -20.71
C CYS B 68 -6.09 27.45 -20.47
N LEU B 69 -5.44 27.64 -19.33
CA LEU B 69 -5.04 28.97 -18.87
C LEU B 69 -3.59 29.32 -19.22
N ASP B 70 -2.97 28.49 -20.06
CA ASP B 70 -1.61 28.67 -20.56
C ASP B 70 -0.62 28.90 -19.42
N THR B 71 -0.92 28.28 -18.28
CA THR B 71 -0.07 28.37 -17.09
C THR B 71 0.60 27.05 -16.84
N THR B 72 1.35 26.95 -15.75
CA THR B 72 1.95 25.70 -15.33
C THR B 72 0.99 24.94 -14.43
N PRO B 73 1.05 23.60 -14.46
CA PRO B 73 0.17 22.83 -13.58
C PRO B 73 0.57 23.04 -12.13
N GLU B 74 1.86 23.31 -11.94
CA GLU B 74 2.44 23.54 -10.63
C GLU B 74 1.84 24.76 -9.94
N PHE B 75 1.39 25.71 -10.74
CA PHE B 75 0.76 26.91 -10.22
C PHE B 75 -0.42 26.59 -9.31
N TRP B 76 -1.36 25.82 -9.87
CA TRP B 76 -2.59 25.50 -9.15
C TRP B 76 -2.36 24.55 -7.99
N LEU B 77 -1.34 23.72 -8.08
CA LEU B 77 -1.08 22.75 -7.03
C LEU B 77 -0.31 23.40 -5.88
N ASN B 78 0.50 24.41 -6.19
CA ASN B 78 1.29 25.08 -5.15
C ASN B 78 0.44 25.78 -4.10
N LEU B 79 -0.60 26.46 -4.56
CA LEU B 79 -1.50 27.15 -3.63
C LEU B 79 -2.45 26.17 -2.94
N GLN B 80 -2.63 25.01 -3.54
CA GLN B 80 -3.48 23.99 -2.98
C GLN B 80 -2.91 23.48 -1.67
N THR B 81 -1.64 23.06 -1.70
CA THR B 81 -0.97 22.53 -0.52
C THR B 81 -0.76 23.62 0.54
N ALA B 82 -0.52 24.84 0.07
CA ALA B 82 -0.35 25.99 0.95
C ALA B 82 -1.65 26.25 1.69
N PHE B 83 -2.76 25.87 1.05
CA PHE B 83 -4.07 25.99 1.66
C PHE B 83 -4.18 25.01 2.83
N ASP B 84 -3.98 23.73 2.55
CA ASP B 84 -4.08 22.69 3.58
C ASP B 84 -3.14 22.96 4.73
N LEU B 85 -1.92 23.37 4.39
CA LEU B 85 -0.90 23.66 5.37
C LEU B 85 -1.40 24.77 6.30
N ARG B 86 -1.93 25.84 5.70
CA ARG B 86 -2.38 26.98 6.48
C ARG B 86 -3.70 26.66 7.17
N THR B 87 -4.50 25.81 6.54
CA THR B 87 -5.75 25.35 7.12
C THR B 87 -5.55 24.62 8.42
N ALA B 88 -4.68 23.63 8.35
CA ALA B 88 -4.37 22.77 9.47
C ALA B 88 -3.50 23.48 10.49
N GLU B 89 -2.84 24.56 10.07
CA GLU B 89 -1.86 25.24 10.90
C GLU B 89 -2.40 25.75 12.24
N GLN B 90 -3.51 26.49 12.22
CA GLN B 90 -4.16 26.86 13.48
C GLN B 90 -5.09 25.75 13.97
N GLN B 91 -5.59 24.97 13.02
CA GLN B 91 -6.57 23.94 13.30
C GLN B 91 -6.02 22.84 14.20
N HIS B 92 -5.12 22.03 13.67
CA HIS B 92 -4.50 20.96 14.44
C HIS B 92 -3.13 21.36 14.99
N GLY B 93 -2.73 22.60 14.73
CA GLY B 93 -1.41 23.08 15.08
C GLY B 93 -1.03 22.99 16.54
N ASP B 94 -1.97 23.30 17.43
CA ASP B 94 -1.70 23.26 18.86
C ASP B 94 -1.32 21.86 19.30
N GLU B 95 -2.04 20.89 18.74
CA GLU B 95 -1.81 19.49 19.05
C GLU B 95 -0.51 18.95 18.45
N ILE B 96 -0.15 19.44 17.28
CA ILE B 96 1.01 18.92 16.57
C ILE B 96 2.35 19.33 17.20
N ILE B 97 2.48 20.60 17.56
CA ILE B 97 3.73 21.10 18.11
C ILE B 97 4.08 20.39 19.43
N GLY B 98 3.08 20.18 20.28
CA GLY B 98 3.26 19.56 21.57
C GLY B 98 3.62 18.08 21.49
N SER B 99 2.92 17.36 20.62
CA SER B 99 3.10 15.91 20.49
C SER B 99 4.40 15.53 19.79
N VAL B 100 4.85 16.37 18.87
CA VAL B 100 6.08 16.08 18.14
C VAL B 100 7.28 16.72 18.83
N GLN B 101 8.26 15.88 19.16
CA GLN B 101 9.46 16.33 19.82
C GLN B 101 10.62 16.33 18.83
N ARG B 102 11.33 17.46 18.81
CA ARG B 102 12.40 17.72 17.84
C ARG B 102 13.46 16.64 17.88
N LEU B 103 14.11 16.41 16.75
CA LEU B 103 15.16 15.41 16.67
C LEU B 103 16.51 16.04 16.40
N VAL B 104 17.56 15.23 16.49
CA VAL B 104 18.94 15.71 16.35
C VAL B 104 19.16 16.37 15.00
N ALA B 105 19.71 17.57 15.04
CA ALA B 105 19.87 18.38 13.83
C ALA B 105 21.01 19.39 13.99
N ASN D 10 9.76 -23.09 -13.26
CA ASN D 10 10.58 -21.92 -13.56
C ASN D 10 10.47 -21.51 -15.03
N GLY D 11 10.44 -20.20 -15.27
CA GLY D 11 10.34 -19.69 -16.61
C GLY D 11 9.01 -19.04 -16.95
N MET D 12 8.11 -18.95 -15.97
CA MET D 12 6.82 -18.31 -16.21
C MET D 12 6.60 -17.17 -15.22
N ARG D 13 5.51 -16.43 -15.41
CA ARG D 13 5.18 -15.28 -14.56
C ARG D 13 4.81 -15.64 -13.12
N PRO D 14 5.10 -14.73 -12.17
CA PRO D 14 4.63 -14.81 -10.79
C PRO D 14 3.21 -14.24 -10.68
N ILE D 15 2.22 -15.07 -11.01
CA ILE D 15 0.81 -14.65 -11.04
C ILE D 15 0.13 -14.50 -9.67
N HIS D 16 -0.43 -13.32 -9.44
CA HIS D 16 -1.13 -12.99 -8.19
C HIS D 16 -2.59 -13.47 -8.24
N PRO D 17 -3.22 -13.66 -7.08
CA PRO D 17 -4.65 -13.98 -6.94
C PRO D 17 -5.63 -12.99 -7.56
N GLY D 18 -5.37 -11.69 -7.48
CA GLY D 18 -6.33 -10.71 -7.95
C GLY D 18 -6.41 -10.74 -9.47
N GLU D 19 -5.38 -11.31 -10.08
CA GLU D 19 -5.35 -11.54 -11.51
C GLU D 19 -6.31 -12.64 -11.92
N ILE D 20 -6.36 -13.72 -11.14
CA ILE D 20 -7.25 -14.83 -11.44
C ILE D 20 -8.63 -14.52 -10.89
N LEU D 21 -8.75 -13.39 -10.21
CA LEU D 21 -10.05 -12.90 -9.78
C LEU D 21 -10.66 -11.91 -10.77
N ARG D 22 -10.04 -10.74 -10.84
CA ARG D 22 -10.56 -9.62 -11.61
C ARG D 22 -10.69 -9.91 -13.10
N GLU D 23 -9.67 -10.54 -13.67
CA GLU D 23 -9.70 -10.83 -15.11
C GLU D 23 -10.29 -12.20 -15.45
N GLU D 24 -10.81 -12.92 -14.44
CA GLU D 24 -11.40 -14.22 -14.71
C GLU D 24 -12.87 -14.23 -14.30
N PHE D 25 -13.13 -13.97 -13.02
CA PHE D 25 -14.51 -13.96 -12.50
C PHE D 25 -15.24 -12.64 -12.71
N GLN D 26 -14.59 -11.56 -12.30
CA GLN D 26 -15.14 -10.21 -12.37
C GLN D 26 -15.55 -9.84 -13.80
N LYS D 27 -14.79 -10.32 -14.79
CA LYS D 27 -15.10 -10.05 -16.19
C LYS D 27 -16.24 -10.93 -16.72
N GLU D 28 -16.38 -12.15 -16.20
CA GLU D 28 -17.45 -13.04 -16.68
C GLU D 28 -18.79 -12.60 -16.11
N MET D 29 -18.83 -12.32 -14.82
CA MET D 29 -19.99 -11.69 -14.23
C MET D 29 -19.48 -10.38 -13.61
N GLY D 30 -20.12 -9.26 -13.91
CA GLY D 30 -19.54 -7.99 -13.52
C GLY D 30 -19.66 -7.81 -12.03
N PHE D 31 -18.52 -7.75 -11.35
CA PHE D 31 -18.54 -7.54 -9.91
C PHE D 31 -17.99 -6.19 -9.51
N SER D 32 -18.68 -5.54 -8.58
CA SER D 32 -18.27 -4.24 -8.10
C SER D 32 -17.60 -4.41 -6.75
N ALA D 33 -16.41 -3.86 -6.58
CA ALA D 33 -15.62 -4.11 -5.39
C ALA D 33 -16.33 -3.68 -4.11
N ALA D 34 -17.10 -2.60 -4.20
CA ALA D 34 -17.83 -2.07 -3.06
C ALA D 34 -18.98 -3.00 -2.69
N ALA D 35 -19.74 -3.40 -3.70
CA ALA D 35 -20.88 -4.29 -3.51
C ALA D 35 -20.40 -5.68 -3.15
N LEU D 36 -19.26 -6.05 -3.71
CA LEU D 36 -18.65 -7.34 -3.40
C LEU D 36 -18.21 -7.39 -1.92
N ALA D 37 -17.77 -6.24 -1.42
CA ALA D 37 -17.30 -6.15 -0.04
C ALA D 37 -18.39 -6.54 0.93
N ARG D 38 -19.51 -5.83 0.87
CA ARG D 38 -20.63 -6.11 1.76
C ARG D 38 -21.22 -7.47 1.44
N ALA D 39 -20.96 -7.97 0.23
CA ALA D 39 -21.42 -9.29 -0.15
C ALA D 39 -20.58 -10.34 0.58
N LEU D 40 -19.34 -9.94 0.89
CA LEU D 40 -18.40 -10.78 1.61
C LEU D 40 -18.37 -10.47 3.11
N GLY D 41 -19.13 -9.46 3.51
CA GLY D 41 -19.19 -9.05 4.91
C GLY D 41 -17.93 -8.34 5.39
N VAL D 42 -17.21 -7.71 4.46
CA VAL D 42 -15.98 -6.99 4.81
C VAL D 42 -15.96 -5.58 4.22
N ALA D 43 -15.02 -4.77 4.70
CA ALA D 43 -14.91 -3.39 4.23
C ALA D 43 -14.43 -3.37 2.79
N THR D 44 -14.73 -2.30 2.07
CA THR D 44 -14.34 -2.22 0.67
C THR D 44 -12.81 -2.29 0.44
N PRO D 45 -12.01 -1.50 1.18
CA PRO D 45 -10.57 -1.48 0.86
C PRO D 45 -9.96 -2.86 1.00
N THR D 46 -10.44 -3.61 2.00
CA THR D 46 -10.04 -4.99 2.23
C THR D 46 -10.12 -5.80 0.94
N VAL D 47 -11.21 -5.59 0.20
CA VAL D 47 -11.44 -6.26 -1.08
C VAL D 47 -10.59 -5.65 -2.17
N ASN D 48 -10.67 -4.33 -2.26
CA ASN D 48 -10.07 -3.59 -3.34
C ASN D 48 -8.54 -3.67 -3.29
N ASN D 49 -7.98 -4.00 -2.13
CA ASN D 49 -6.54 -4.17 -1.95
C ASN D 49 -5.98 -5.41 -2.66
N ILE D 50 -6.87 -6.39 -2.87
CA ILE D 50 -6.55 -7.58 -3.63
C ILE D 50 -6.68 -7.31 -5.15
N LEU D 51 -7.70 -6.55 -5.50
CA LEU D 51 -7.90 -6.09 -6.87
C LEU D 51 -6.77 -5.17 -7.32
N ARG D 52 -6.25 -4.42 -6.36
CA ARG D 52 -5.08 -3.56 -6.54
C ARG D 52 -3.80 -4.41 -6.63
N GLU D 53 -3.96 -5.72 -6.50
CA GLU D 53 -2.85 -6.67 -6.68
C GLU D 53 -1.87 -6.52 -5.53
N ARG D 54 -2.24 -5.70 -4.55
CA ARG D 54 -1.41 -5.47 -3.39
C ARG D 54 -1.53 -6.61 -2.38
N GLY D 55 -2.62 -7.37 -2.46
CA GLY D 55 -2.73 -8.54 -1.61
C GLY D 55 -2.84 -8.23 -0.13
N GLY D 56 -2.87 -9.28 0.68
CA GLY D 56 -2.86 -10.64 0.19
C GLY D 56 -4.19 -11.33 0.45
N VAL D 57 -4.30 -12.59 0.05
CA VAL D 57 -5.47 -13.36 0.41
C VAL D 57 -5.31 -13.99 1.79
N SER D 58 -6.22 -13.66 2.69
CA SER D 58 -6.25 -14.24 4.02
C SER D 58 -6.86 -15.64 3.99
N ALA D 59 -6.59 -16.43 5.02
CA ALA D 59 -7.17 -17.76 5.14
C ALA D 59 -8.66 -17.71 5.45
N ASP D 60 -9.09 -16.74 6.25
CA ASP D 60 -10.52 -16.58 6.52
C ASP D 60 -11.17 -16.04 5.26
N MET D 61 -10.39 -15.26 4.50
CA MET D 61 -10.84 -14.68 3.25
C MET D 61 -11.13 -15.77 2.22
N ALA D 62 -10.16 -16.66 2.05
CA ALA D 62 -10.31 -17.77 1.12
C ALA D 62 -11.54 -18.61 1.45
N LEU D 63 -11.81 -18.76 2.74
CA LEU D 63 -12.98 -19.51 3.19
C LEU D 63 -14.28 -18.85 2.80
N ARG D 64 -14.33 -17.52 2.87
CA ARG D 64 -15.53 -16.79 2.51
C ARG D 64 -15.72 -16.78 1.00
N LEU D 65 -14.61 -16.73 0.27
CA LEU D 65 -14.66 -16.68 -1.19
C LEU D 65 -15.27 -17.95 -1.74
N SER D 66 -14.91 -19.08 -1.14
CA SER D 66 -15.40 -20.38 -1.58
C SER D 66 -16.92 -20.44 -1.51
N ILE D 67 -17.49 -19.72 -0.56
CA ILE D 67 -18.93 -19.70 -0.35
C ILE D 67 -19.63 -19.07 -1.54
N CYS D 68 -19.18 -17.87 -1.91
CA CYS D 68 -19.75 -17.14 -3.03
C CYS D 68 -19.66 -17.91 -4.33
N LEU D 69 -18.47 -18.43 -4.59
CA LEU D 69 -18.12 -18.99 -5.90
C LEU D 69 -18.26 -20.51 -6.04
N ASP D 70 -18.83 -21.17 -5.04
CA ASP D 70 -19.06 -22.62 -5.08
C ASP D 70 -17.77 -23.37 -5.40
N THR D 71 -16.64 -22.84 -4.95
CA THR D 71 -15.37 -23.51 -5.13
C THR D 71 -14.87 -23.95 -3.76
N THR D 72 -13.69 -24.54 -3.72
CA THR D 72 -13.08 -24.88 -2.44
C THR D 72 -12.26 -23.68 -1.97
N PRO D 73 -12.12 -23.51 -0.65
CA PRO D 73 -11.33 -22.38 -0.14
C PRO D 73 -9.86 -22.54 -0.49
N GLU D 74 -9.41 -23.78 -0.60
CA GLU D 74 -8.03 -24.05 -0.96
C GLU D 74 -7.71 -23.53 -2.36
N PHE D 75 -8.73 -23.48 -3.21
CA PHE D 75 -8.56 -22.98 -4.57
C PHE D 75 -7.94 -21.58 -4.54
N TRP D 76 -8.59 -20.67 -3.83
CA TRP D 76 -8.11 -19.29 -3.79
C TRP D 76 -6.79 -19.19 -3.02
N LEU D 77 -6.54 -20.11 -2.09
CA LEU D 77 -5.28 -20.09 -1.35
C LEU D 77 -4.10 -20.74 -2.06
N ASN D 78 -4.36 -21.79 -2.83
CA ASN D 78 -3.27 -22.53 -3.47
C ASN D 78 -2.48 -21.69 -4.46
N LEU D 79 -3.18 -20.93 -5.30
CA LEU D 79 -2.49 -20.10 -6.28
C LEU D 79 -1.88 -18.88 -5.62
N GLN D 80 -2.40 -18.53 -4.45
CA GLN D 80 -1.91 -17.36 -3.72
C GLN D 80 -0.49 -17.64 -3.24
N THR D 81 -0.30 -18.77 -2.57
CA THR D 81 1.02 -19.14 -2.05
C THR D 81 2.04 -19.40 -3.16
N ALA D 82 1.58 -19.94 -4.28
CA ALA D 82 2.45 -20.21 -5.43
C ALA D 82 3.03 -18.91 -5.99
N PHE D 83 2.30 -17.82 -5.80
CA PHE D 83 2.76 -16.50 -6.22
C PHE D 83 4.02 -16.11 -5.47
N ASP D 84 3.93 -16.07 -4.13
CA ASP D 84 5.01 -15.60 -3.26
C ASP D 84 6.28 -16.36 -3.51
N LEU D 85 6.11 -17.66 -3.72
CA LEU D 85 7.21 -18.57 -3.94
C LEU D 85 8.06 -18.08 -5.08
N ARG D 86 7.44 -17.87 -6.23
CA ARG D 86 8.18 -17.44 -7.40
C ARG D 86 8.24 -15.92 -7.47
N THR D 87 7.66 -15.27 -6.47
CA THR D 87 7.93 -13.85 -6.26
C THR D 87 9.27 -13.69 -5.57
N ALA D 88 9.44 -14.41 -4.47
CA ALA D 88 10.66 -14.33 -3.69
C ALA D 88 11.79 -15.07 -4.40
N GLU D 89 11.42 -16.07 -5.19
CA GLU D 89 12.38 -16.85 -5.97
C GLU D 89 13.01 -15.90 -6.97
N GLN D 90 12.16 -15.04 -7.54
CA GLN D 90 12.62 -14.06 -8.50
C GLN D 90 13.28 -12.87 -7.82
N GLN D 91 12.87 -12.55 -6.59
CA GLN D 91 13.44 -11.38 -5.93
C GLN D 91 14.80 -11.65 -5.27
N HIS D 92 14.76 -12.27 -4.08
CA HIS D 92 15.97 -12.64 -3.33
C HIS D 92 16.37 -14.11 -3.39
N GLY D 93 15.64 -14.92 -4.16
CA GLY D 93 15.78 -16.36 -4.13
C GLY D 93 17.20 -16.89 -4.26
N ASP D 94 17.99 -16.26 -5.12
CA ASP D 94 19.38 -16.66 -5.33
C ASP D 94 20.19 -16.54 -4.03
N GLU D 95 19.88 -15.53 -3.23
CA GLU D 95 20.63 -15.24 -2.01
C GLU D 95 20.50 -16.29 -0.90
N ILE D 96 19.34 -16.92 -0.77
CA ILE D 96 19.12 -17.88 0.30
C ILE D 96 19.91 -19.17 0.06
N ILE D 97 20.02 -19.56 -1.22
CA ILE D 97 20.66 -20.81 -1.61
C ILE D 97 22.10 -20.91 -1.11
N GLY D 98 22.84 -19.81 -1.19
CA GLY D 98 24.23 -19.80 -0.78
C GLY D 98 24.43 -20.05 0.70
N SER D 99 23.60 -19.43 1.53
CA SER D 99 23.73 -19.54 2.97
C SER D 99 23.27 -20.90 3.51
N VAL D 100 22.31 -21.52 2.84
CA VAL D 100 21.77 -22.80 3.30
C VAL D 100 22.48 -24.00 2.69
N GLN D 101 23.02 -24.87 3.56
CA GLN D 101 23.68 -26.08 3.07
C GLN D 101 22.82 -27.32 3.32
N ARG D 102 22.65 -28.10 2.26
CA ARG D 102 21.78 -29.28 2.24
C ARG D 102 22.18 -30.32 3.29
N LEU D 103 21.22 -31.12 3.71
CA LEU D 103 21.51 -32.20 4.65
C LEU D 103 21.23 -33.56 3.98
N VAL D 104 21.78 -34.63 4.54
CA VAL D 104 21.68 -35.96 3.97
C VAL D 104 20.23 -36.44 3.82
N ARG E 13 -8.72 -32.38 14.46
CA ARG E 13 -8.90 -32.37 13.00
C ARG E 13 -7.86 -31.55 12.24
N PRO E 14 -7.39 -30.40 12.79
CA PRO E 14 -6.34 -29.78 11.96
C PRO E 14 -4.95 -30.37 12.15
N ILE E 15 -4.03 -29.96 11.28
CA ILE E 15 -2.63 -30.37 11.33
C ILE E 15 -1.79 -29.12 11.54
N HIS E 16 -0.95 -29.13 12.55
CA HIS E 16 -0.12 -28.00 12.95
C HIS E 16 1.18 -27.87 12.15
N PRO E 17 1.82 -26.69 12.18
CA PRO E 17 3.10 -26.57 11.48
C PRO E 17 4.23 -27.49 11.96
N GLY E 18 4.43 -27.51 13.27
CA GLY E 18 5.50 -28.26 13.92
C GLY E 18 5.25 -29.73 14.13
N GLU E 19 3.97 -30.12 14.04
CA GLU E 19 3.58 -31.51 14.23
C GLU E 19 4.14 -32.38 13.13
N ILE E 20 4.14 -31.89 11.90
CA ILE E 20 4.70 -32.70 10.83
C ILE E 20 6.21 -32.50 10.70
N LEU E 21 6.76 -31.57 11.46
CA LEU E 21 8.21 -31.45 11.49
C LEU E 21 8.80 -32.27 12.60
N ARG E 22 8.48 -31.90 13.84
CA ARG E 22 9.07 -32.54 15.02
C ARG E 22 8.82 -34.04 15.03
N GLU E 23 7.63 -34.45 14.62
CA GLU E 23 7.25 -35.86 14.64
C GLU E 23 7.69 -36.64 13.40
N GLU E 24 8.39 -35.97 12.48
CA GLU E 24 8.86 -36.62 11.25
C GLU E 24 10.35 -36.45 10.94
N PHE E 25 10.81 -35.21 10.99
CA PHE E 25 12.15 -34.85 10.57
C PHE E 25 13.12 -34.64 11.74
N GLN E 26 12.79 -33.73 12.64
CA GLN E 26 13.64 -33.41 13.79
C GLN E 26 13.97 -34.59 14.69
N LYS E 27 12.97 -35.39 15.03
CA LYS E 27 13.24 -36.52 15.91
C LYS E 27 13.79 -37.77 15.21
N GLU E 28 13.26 -38.11 14.05
CA GLU E 28 13.71 -39.33 13.38
C GLU E 28 14.93 -39.16 12.47
N MET E 29 15.54 -37.99 12.46
CA MET E 29 16.79 -37.89 11.71
C MET E 29 17.93 -37.21 12.43
N GLY E 30 17.84 -35.89 12.54
CA GLY E 30 18.96 -35.08 12.97
C GLY E 30 19.07 -34.60 14.40
N PHE E 31 19.80 -33.50 14.51
CA PHE E 31 20.06 -32.85 15.77
C PHE E 31 19.17 -31.63 15.90
N SER E 32 19.20 -31.05 17.08
CA SER E 32 18.27 -29.99 17.46
C SER E 32 18.49 -28.67 16.72
N ALA E 33 17.60 -27.74 17.03
CA ALA E 33 17.40 -26.47 16.32
C ALA E 33 18.63 -25.58 16.18
N ALA E 34 19.58 -25.68 17.10
CA ALA E 34 20.73 -24.79 17.06
C ALA E 34 21.56 -25.00 15.79
N ALA E 35 21.89 -26.26 15.49
CA ALA E 35 22.66 -26.56 14.28
C ALA E 35 21.79 -26.34 13.04
N LEU E 36 20.50 -26.65 13.17
CA LEU E 36 19.54 -26.46 12.09
C LEU E 36 19.39 -24.99 11.73
N ALA E 37 19.56 -24.14 12.74
CA ALA E 37 19.43 -22.71 12.53
C ALA E 37 20.43 -22.17 11.51
N ARG E 38 21.72 -22.36 11.78
CA ARG E 38 22.75 -21.87 10.88
C ARG E 38 22.71 -22.63 9.55
N ALA E 39 22.13 -23.83 9.58
CA ALA E 39 21.97 -24.64 8.38
C ALA E 39 20.89 -24.06 7.48
N LEU E 40 19.93 -23.37 8.09
CA LEU E 40 18.86 -22.72 7.37
C LEU E 40 19.17 -21.24 7.14
N GLY E 41 20.29 -20.78 7.70
CA GLY E 41 20.71 -19.40 7.55
C GLY E 41 19.91 -18.36 8.33
N VAL E 42 19.26 -18.80 9.40
CA VAL E 42 18.50 -17.91 10.27
C VAL E 42 18.85 -18.21 11.72
N ALA E 43 18.50 -17.30 12.63
CA ALA E 43 18.82 -17.45 14.04
C ALA E 43 18.02 -18.59 14.68
N THR E 44 18.52 -19.08 15.82
CA THR E 44 17.89 -20.18 16.54
C THR E 44 16.42 -19.96 16.97
N PRO E 45 16.06 -18.76 17.51
CA PRO E 45 14.68 -18.61 17.98
C PRO E 45 13.64 -18.85 16.87
N THR E 46 13.95 -18.37 15.67
CA THR E 46 13.13 -18.60 14.49
C THR E 46 12.76 -20.07 14.26
N VAL E 47 13.72 -20.95 14.49
CA VAL E 47 13.54 -22.38 14.25
C VAL E 47 12.67 -23.11 15.29
N ASN E 48 13.01 -22.99 16.57
CA ASN E 48 12.32 -23.77 17.59
C ASN E 48 10.89 -23.25 17.80
N ASN E 49 10.58 -22.08 17.25
CA ASN E 49 9.24 -21.54 17.32
C ASN E 49 8.23 -22.43 16.64
N ILE E 50 8.69 -23.17 15.64
CA ILE E 50 7.83 -24.13 14.93
C ILE E 50 7.77 -25.42 15.74
N LEU E 51 8.91 -25.79 16.33
CA LEU E 51 8.91 -26.92 17.22
C LEU E 51 8.06 -26.61 18.46
N ARG E 52 8.06 -25.36 18.90
CA ARG E 52 7.20 -24.95 20.00
C ARG E 52 5.75 -24.87 19.50
N GLU E 53 5.61 -24.95 18.17
CA GLU E 53 4.31 -25.10 17.51
C GLU E 53 3.31 -23.98 17.67
N ARG E 54 3.75 -22.81 18.10
CA ARG E 54 2.82 -21.69 18.20
C ARG E 54 2.69 -20.91 16.91
N GLY E 55 3.28 -21.42 15.83
CA GLY E 55 3.14 -20.72 14.57
C GLY E 55 4.44 -20.03 14.27
N GLY E 56 4.48 -19.25 13.19
CA GLY E 56 5.73 -18.68 12.76
C GLY E 56 6.33 -19.31 11.51
N VAL E 57 5.49 -19.95 10.69
CA VAL E 57 5.99 -20.51 9.44
C VAL E 57 6.16 -19.45 8.39
N SER E 58 7.40 -19.27 7.94
CA SER E 58 7.69 -18.30 6.90
C SER E 58 7.37 -18.90 5.53
N ALA E 59 7.09 -18.05 4.56
CA ALA E 59 6.96 -18.49 3.16
C ALA E 59 8.35 -18.70 2.59
N ASP E 60 9.26 -17.85 3.08
CA ASP E 60 10.66 -17.86 2.75
C ASP E 60 11.35 -19.10 3.30
N MET E 61 10.85 -19.58 4.44
CA MET E 61 11.40 -20.77 5.06
C MET E 61 11.19 -21.98 4.17
N ALA E 62 9.99 -22.13 3.64
CA ALA E 62 9.66 -23.28 2.79
C ALA E 62 10.64 -23.44 1.64
N LEU E 63 11.09 -22.32 1.07
CA LEU E 63 12.10 -22.38 0.02
C LEU E 63 13.42 -22.90 0.61
N ARG E 64 13.72 -22.47 1.83
CA ARG E 64 14.93 -22.92 2.53
C ARG E 64 14.75 -24.35 3.02
N LEU E 65 13.54 -24.67 3.47
CA LEU E 65 13.24 -26.00 4.03
C LEU E 65 13.34 -27.12 3.02
N SER E 66 12.88 -26.88 1.79
CA SER E 66 12.92 -27.90 0.76
C SER E 66 14.37 -28.35 0.51
N ILE E 67 15.29 -27.40 0.69
CA ILE E 67 16.70 -27.62 0.42
C ILE E 67 17.33 -28.65 1.36
N CYS E 68 17.20 -28.45 2.67
CA CYS E 68 17.76 -29.40 3.64
C CYS E 68 17.17 -30.79 3.47
N LEU E 69 15.86 -30.83 3.31
CA LEU E 69 15.09 -32.06 3.33
C LEU E 69 14.80 -32.69 1.95
N ASP E 70 15.44 -32.16 0.91
CA ASP E 70 15.37 -32.67 -0.47
C ASP E 70 13.93 -32.84 -0.95
N THR E 71 13.05 -32.00 -0.42
CA THR E 71 11.65 -32.05 -0.79
C THR E 71 11.33 -30.80 -1.58
N THR E 72 10.06 -30.62 -1.92
CA THR E 72 9.61 -29.42 -2.60
C THR E 72 9.26 -28.36 -1.56
N PRO E 73 9.43 -27.08 -1.92
CA PRO E 73 9.03 -26.02 -0.99
C PRO E 73 7.51 -26.00 -0.85
N GLU E 74 6.85 -26.42 -1.92
CA GLU E 74 5.40 -26.47 -1.98
C GLU E 74 4.84 -27.46 -0.95
N PHE E 75 5.63 -28.48 -0.64
CA PHE E 75 5.26 -29.48 0.35
C PHE E 75 4.92 -28.86 1.70
N TRP E 76 5.87 -28.10 2.24
CA TRP E 76 5.73 -27.50 3.56
C TRP E 76 4.70 -26.37 3.57
N LEU E 77 4.48 -25.70 2.44
CA LEU E 77 3.48 -24.64 2.41
C LEU E 77 2.07 -25.19 2.25
N ASN E 78 1.92 -26.33 1.57
CA ASN E 78 0.58 -26.86 1.38
C ASN E 78 -0.10 -27.21 2.70
N LEU E 79 0.64 -27.82 3.62
CA LEU E 79 0.07 -28.16 4.93
C LEU E 79 -0.07 -26.93 5.80
N GLN E 80 0.72 -25.90 5.50
CA GLN E 80 0.68 -24.66 6.27
C GLN E 80 -0.63 -23.94 6.08
N THR E 81 -1.03 -23.73 4.82
CA THR E 81 -2.26 -23.03 4.53
C THR E 81 -3.45 -23.87 5.01
N ALA E 82 -3.32 -25.19 4.88
CA ALA E 82 -4.35 -26.12 5.33
C ALA E 82 -4.54 -26.05 6.83
N PHE E 83 -3.48 -25.66 7.51
CA PHE E 83 -3.51 -25.48 8.97
C PHE E 83 -4.42 -24.34 9.34
N ASP E 84 -4.16 -23.16 8.79
CA ASP E 84 -4.96 -21.97 9.10
C ASP E 84 -6.41 -22.26 8.79
N LEU E 85 -6.61 -22.92 7.67
CA LEU E 85 -7.94 -23.25 7.18
C LEU E 85 -8.74 -24.12 8.18
N ARG E 86 -8.13 -25.20 8.65
CA ARG E 86 -8.85 -26.13 9.52
C ARG E 86 -9.02 -25.60 10.93
N THR E 87 -8.05 -24.81 11.40
CA THR E 87 -8.17 -24.19 12.72
C THR E 87 -9.32 -23.21 12.75
N ALA E 88 -9.35 -22.34 11.75
CA ALA E 88 -10.35 -21.28 11.65
C ALA E 88 -11.71 -21.86 11.28
N GLU E 89 -11.72 -23.06 10.74
CA GLU E 89 -12.96 -23.70 10.30
C GLU E 89 -13.95 -23.85 11.43
N GLN E 90 -13.49 -24.38 12.57
CA GLN E 90 -14.33 -24.48 13.75
C GLN E 90 -14.32 -23.16 14.52
N GLN E 91 -13.26 -22.39 14.31
CA GLN E 91 -13.05 -21.16 15.05
C GLN E 91 -13.99 -20.04 14.62
N HIS E 92 -13.77 -19.47 13.45
CA HIS E 92 -14.64 -18.40 12.96
C HIS E 92 -15.69 -18.89 11.99
N GLY E 93 -15.69 -20.19 11.71
CA GLY E 93 -16.55 -20.73 10.67
C GLY E 93 -18.04 -20.49 10.79
N ASP E 94 -18.58 -20.62 12.00
CA ASP E 94 -20.00 -20.40 12.22
C ASP E 94 -20.39 -18.98 11.89
N GLU E 95 -19.51 -18.05 12.26
CA GLU E 95 -19.73 -16.63 12.01
C GLU E 95 -19.67 -16.34 10.52
N ILE E 96 -18.82 -17.10 9.81
CA ILE E 96 -18.58 -16.87 8.40
C ILE E 96 -19.76 -17.24 7.53
N ILE E 97 -20.39 -18.38 7.80
CA ILE E 97 -21.50 -18.84 6.99
C ILE E 97 -22.68 -17.88 7.01
N GLY E 98 -23.01 -17.39 8.20
CA GLY E 98 -24.14 -16.49 8.37
C GLY E 98 -23.96 -15.12 7.77
N SER E 99 -22.78 -14.53 7.97
CA SER E 99 -22.50 -13.17 7.52
C SER E 99 -22.31 -13.06 6.02
N VAL E 100 -21.79 -14.12 5.40
CA VAL E 100 -21.54 -14.10 3.96
C VAL E 100 -22.73 -14.63 3.17
N GLN E 101 -23.18 -13.82 2.22
CA GLN E 101 -24.32 -14.16 1.39
C GLN E 101 -23.84 -14.61 0.01
N ARG E 102 -24.36 -15.75 -0.43
CA ARG E 102 -23.96 -16.41 -1.66
C ARG E 102 -24.12 -15.53 -2.90
N LEU E 103 -23.27 -15.76 -3.90
CA LEU E 103 -23.37 -15.05 -5.17
C LEU E 103 -23.63 -16.02 -6.32
N VAL E 104 -24.09 -15.49 -7.45
CA VAL E 104 -24.44 -16.31 -8.61
C VAL E 104 -23.26 -17.11 -9.13
#